data_6OMO
#
_entry.id   6OMO
#
_cell.length_a   97.398
_cell.length_b   97.398
_cell.length_c   85.644
_cell.angle_alpha   90.00
_cell.angle_beta   90.00
_cell.angle_gamma   120.00
#
_symmetry.space_group_name_H-M   'P 31 2 1'
#
loop_
_entity.id
_entity.type
_entity.pdbx_description
1 polymer 'Bone morphogenetic protein 6'
2 branched 2-acetamido-2-deoxy-beta-D-glucopyranose-(1-4)-2-acetamido-2-deoxy-beta-D-glucopyranose
3 non-polymer 'ISOPROPYL ALCOHOL'
4 non-polymer 2-acetamido-2-deoxy-beta-D-glucopyranose
5 non-polymer DI(HYDROXYETHYL)ETHER
6 water water
#
_entity_poly.entity_id   1
_entity_poly.type   'polypeptide(L)'
_entity_poly.pdbx_seq_one_letter_code
;TACRKHELYVSFQDLGWQDWIIAPKGYAANYCDGECSFPLNAHMNATNHAIVQTLVHLMNPEYVPKPCCAPTKLNAISVL
YFDDNSNVILKKYRNMVVRACGCH
;
_entity_poly.pdbx_strand_id   I,J
#
# COMPACT_ATOMS: atom_id res chain seq x y z
N THR A 1 16.55 3.26 -7.56
CA THR A 1 15.72 4.26 -6.91
C THR A 1 14.21 4.03 -7.08
N ALA A 2 13.80 3.31 -8.15
CA ALA A 2 12.38 3.04 -8.41
C ALA A 2 11.85 1.95 -7.49
N CYS A 3 10.53 1.96 -7.24
CA CYS A 3 9.83 0.99 -6.42
C CYS A 3 10.09 -0.43 -6.89
N ARG A 4 10.63 -1.29 -6.00
CA ARG A 4 10.91 -2.70 -6.28
C ARG A 4 10.99 -3.53 -5.01
N LYS A 5 11.04 -4.86 -5.17
CA LYS A 5 11.21 -5.87 -4.13
C LYS A 5 12.68 -6.00 -3.78
N HIS A 6 12.99 -5.88 -2.48
CA HIS A 6 14.32 -6.05 -1.92
C HIS A 6 14.29 -7.32 -1.11
N GLU A 7 15.36 -8.11 -1.14
CA GLU A 7 15.45 -9.35 -0.37
C GLU A 7 15.67 -9.06 1.10
N LEU A 8 15.01 -9.83 1.94
CA LEU A 8 15.15 -9.74 3.40
C LEU A 8 14.88 -11.09 4.00
N TYR A 9 15.81 -11.60 4.79
CA TYR A 9 15.60 -12.87 5.44
C TYR A 9 15.31 -12.60 6.90
N VAL A 10 14.14 -13.04 7.36
CA VAL A 10 13.74 -12.86 8.73
C VAL A 10 13.99 -14.17 9.48
N SER A 11 14.91 -14.13 10.46
CA SER A 11 15.20 -15.29 11.30
C SER A 11 14.55 -15.00 12.65
N PHE A 12 13.83 -15.97 13.17
CA PHE A 12 13.12 -15.82 14.43
C PHE A 12 13.98 -15.66 15.66
N GLN A 13 15.26 -16.07 15.58
CA GLN A 13 16.26 -15.98 16.64
C GLN A 13 16.66 -14.52 16.91
N ASP A 14 16.82 -13.67 15.84
CA ASP A 14 17.16 -12.25 16.06
C ASP A 14 15.97 -11.43 16.50
N LEU A 15 14.77 -11.94 16.19
CA LEU A 15 13.49 -11.38 16.62
C LEU A 15 13.27 -11.77 18.12
N GLY A 16 13.85 -12.91 18.54
CA GLY A 16 13.79 -13.43 19.90
C GLY A 16 12.61 -14.36 20.19
N TRP A 17 12.20 -15.14 19.18
CA TRP A 17 11.04 -16.03 19.20
C TRP A 17 11.44 -17.51 19.07
N GLN A 18 12.75 -17.80 19.01
CA GLN A 18 13.38 -19.11 18.85
C GLN A 18 12.84 -20.24 19.74
N ASP A 19 12.52 -19.94 21.00
CA ASP A 19 12.01 -20.90 21.99
C ASP A 19 10.63 -21.47 21.61
N TRP A 20 9.62 -20.58 21.47
CA TRP A 20 8.26 -20.98 21.10
C TRP A 20 8.03 -21.34 19.60
N ILE A 21 8.85 -20.82 18.66
CA ILE A 21 8.69 -21.16 17.24
C ILE A 21 9.52 -22.40 16.93
N ILE A 22 8.85 -23.50 16.57
CA ILE A 22 9.50 -24.79 16.30
C ILE A 22 10.07 -24.81 14.87
N ALA A 23 9.18 -24.57 13.90
CA ALA A 23 9.49 -24.61 12.48
C ALA A 23 8.73 -23.50 11.73
N PRO A 24 9.35 -22.78 10.75
CA PRO A 24 10.77 -22.81 10.38
C PRO A 24 11.60 -21.95 11.32
N LYS A 25 12.89 -21.93 11.14
CA LYS A 25 13.77 -21.15 12.01
C LYS A 25 13.93 -19.72 11.48
N GLY A 26 13.39 -19.52 10.30
CA GLY A 26 13.39 -18.24 9.62
C GLY A 26 12.71 -18.36 8.28
N TYR A 27 12.59 -17.23 7.55
CA TYR A 27 11.97 -17.18 6.22
C TYR A 27 12.30 -15.92 5.47
N ALA A 28 12.20 -16.02 4.12
CA ALA A 28 12.45 -14.91 3.20
C ALA A 28 11.22 -13.97 3.20
N ALA A 29 11.24 -12.95 4.06
CA ALA A 29 10.17 -11.95 4.18
C ALA A 29 10.73 -10.85 3.35
N ASN A 30 10.16 -10.51 2.22
CA ASN A 30 10.93 -9.48 1.54
C ASN A 30 10.19 -8.16 1.71
N TYR A 31 10.72 -7.06 1.20
CA TYR A 31 10.27 -5.71 1.49
C TYR A 31 10.28 -4.87 0.26
N CYS A 32 9.45 -3.81 0.29
CA CYS A 32 9.28 -2.87 -0.80
C CYS A 32 9.99 -1.59 -0.46
N ASP A 33 10.74 -1.08 -1.41
CA ASP A 33 11.41 0.22 -1.26
C ASP A 33 11.57 0.89 -2.63
N GLY A 34 11.65 2.21 -2.62
CA GLY A 34 11.79 3.00 -3.84
C GLY A 34 10.72 4.04 -4.10
N GLU A 35 11.06 4.96 -5.00
CA GLU A 35 10.25 6.10 -5.45
C GLU A 35 9.12 5.67 -6.41
N CYS A 36 7.90 6.13 -6.10
CA CYS A 36 6.71 5.95 -6.91
C CYS A 36 6.58 7.25 -7.69
N SER A 37 7.02 7.20 -8.93
CA SER A 37 7.08 8.36 -9.79
C SER A 37 6.93 7.92 -11.22
N PHE A 38 6.77 8.87 -12.14
CA PHE A 38 6.70 8.57 -13.58
C PHE A 38 8.15 8.47 -14.10
N PRO A 39 8.46 7.48 -14.96
CA PRO A 39 7.57 6.44 -15.51
C PRO A 39 7.06 5.45 -14.49
N LEU A 40 5.78 5.10 -14.57
CA LEU A 40 5.20 4.07 -13.73
C LEU A 40 5.29 2.83 -14.59
N ASN A 41 6.12 1.86 -14.17
CA ASN A 41 6.33 0.58 -14.88
C ASN A 41 5.07 -0.27 -14.74
N ALA A 42 4.68 -0.99 -15.81
CA ALA A 42 3.50 -1.86 -15.85
C ALA A 42 3.48 -2.95 -14.76
N HIS A 43 4.67 -3.41 -14.32
CA HIS A 43 4.81 -4.41 -13.24
C HIS A 43 4.31 -3.86 -11.89
N MET A 44 4.43 -2.52 -11.66
CA MET A 44 3.99 -1.79 -10.45
C MET A 44 2.53 -2.13 -10.15
N ASN A 45 1.74 -2.39 -11.22
CA ASN A 45 0.27 -2.44 -11.35
C ASN A 45 -0.54 -1.31 -10.65
N ALA A 46 -0.01 -0.06 -10.79
CA ALA A 46 -0.52 1.18 -10.25
C ALA A 46 -2.01 1.34 -10.44
N THR A 47 -2.70 1.80 -9.41
CA THR A 47 -4.14 2.02 -9.51
C THR A 47 -4.38 3.35 -10.23
N ASN A 48 -5.63 3.64 -10.57
CA ASN A 48 -5.97 4.92 -11.19
C ASN A 48 -5.67 6.04 -10.19
N HIS A 49 -6.01 5.82 -8.90
CA HIS A 49 -5.72 6.72 -7.80
C HIS A 49 -4.22 7.04 -7.67
N ALA A 50 -3.33 6.03 -7.77
CA ALA A 50 -1.88 6.21 -7.66
C ALA A 50 -1.36 7.12 -8.76
N ILE A 51 -1.82 6.90 -10.01
CA ILE A 51 -1.51 7.71 -11.19
C ILE A 51 -1.90 9.17 -10.93
N VAL A 52 -3.13 9.41 -10.51
CA VAL A 52 -3.60 10.76 -10.24
C VAL A 52 -2.77 11.40 -9.14
N GLN A 53 -2.43 10.63 -8.10
CA GLN A 53 -1.65 11.12 -6.97
C GLN A 53 -0.25 11.47 -7.34
N THR A 54 0.41 10.68 -8.18
CA THR A 54 1.76 11.05 -8.60
C THR A 54 1.72 12.30 -9.47
N LEU A 55 0.60 12.53 -10.20
CA LEU A 55 0.38 13.72 -11.02
C LEU A 55 0.10 14.94 -10.10
N VAL A 56 -0.84 14.84 -9.15
CA VAL A 56 -1.16 15.90 -8.18
C VAL A 56 0.10 16.29 -7.34
N HIS A 57 0.93 15.31 -6.96
CA HIS A 57 2.15 15.57 -6.21
C HIS A 57 3.13 16.39 -7.06
N LEU A 58 3.25 16.10 -8.37
CA LEU A 58 4.14 16.82 -9.28
C LEU A 58 3.82 18.31 -9.43
N MET A 59 2.56 18.69 -9.19
CA MET A 59 2.07 20.06 -9.27
C MET A 59 2.20 20.77 -7.93
N ASN A 60 1.82 20.11 -6.80
CA ASN A 60 1.93 20.66 -5.44
C ASN A 60 2.78 19.74 -4.52
N PRO A 61 4.12 19.63 -4.73
CA PRO A 61 4.90 18.73 -3.86
C PRO A 61 4.81 19.05 -2.38
N GLU A 62 4.61 20.34 -2.07
CA GLU A 62 4.46 20.94 -0.74
C GLU A 62 3.42 20.20 0.12
N TYR A 63 2.17 20.06 -0.37
CA TYR A 63 1.09 19.44 0.40
C TYR A 63 0.86 17.93 0.18
N VAL A 64 0.66 17.49 -1.10
CA VAL A 64 0.35 16.10 -1.48
C VAL A 64 1.59 15.24 -1.77
N PRO A 65 1.78 14.12 -1.04
CA PRO A 65 2.98 13.29 -1.25
C PRO A 65 2.89 12.28 -2.38
N LYS A 66 4.04 11.72 -2.76
CA LYS A 66 4.16 10.64 -3.73
C LYS A 66 3.39 9.43 -3.17
N PRO A 67 2.74 8.60 -3.99
CA PRO A 67 2.13 7.40 -3.43
C PRO A 67 3.22 6.43 -2.92
N CYS A 68 2.78 5.41 -2.21
CA CYS A 68 3.51 4.37 -1.50
C CYS A 68 4.02 3.26 -2.29
N CYS A 69 5.27 2.87 -2.04
CA CYS A 69 5.82 1.64 -2.63
C CYS A 69 5.47 0.51 -1.61
N ALA A 70 4.48 -0.31 -1.97
CA ALA A 70 3.96 -1.34 -1.10
C ALA A 70 3.73 -2.69 -1.81
N PRO A 71 3.52 -3.80 -1.04
CA PRO A 71 3.33 -5.11 -1.69
C PRO A 71 1.98 -5.25 -2.39
N THR A 72 2.02 -5.75 -3.64
CA THR A 72 0.83 -6.01 -4.45
C THR A 72 0.47 -7.50 -4.42
N LYS A 73 1.48 -8.36 -4.25
CA LYS A 73 1.31 -9.82 -4.18
C LYS A 73 2.09 -10.33 -2.97
N LEU A 74 1.35 -10.95 -2.04
CA LEU A 74 1.90 -11.56 -0.83
C LEU A 74 1.69 -13.06 -0.89
N ASN A 75 2.52 -13.81 -0.15
CA ASN A 75 2.41 -15.26 0.02
C ASN A 75 2.27 -15.54 1.50
N ALA A 76 1.61 -16.65 1.82
CA ALA A 76 1.44 -17.11 3.18
C ALA A 76 2.59 -18.06 3.52
N ILE A 77 2.86 -18.23 4.82
CA ILE A 77 3.79 -19.22 5.36
C ILE A 77 3.13 -19.96 6.52
N SER A 78 3.44 -21.27 6.62
CA SER A 78 2.97 -22.13 7.69
C SER A 78 4.01 -22.09 8.81
N VAL A 79 3.54 -21.90 10.03
CA VAL A 79 4.39 -21.83 11.20
C VAL A 79 3.97 -22.91 12.21
N LEU A 80 4.96 -23.68 12.71
CA LEU A 80 4.77 -24.70 13.73
C LEU A 80 5.28 -24.09 15.02
N TYR A 81 4.39 -23.91 15.97
CA TYR A 81 4.82 -23.24 17.19
C TYR A 81 4.17 -23.81 18.44
N PHE A 82 4.80 -23.51 19.58
CA PHE A 82 4.31 -23.83 20.92
C PHE A 82 3.46 -22.66 21.41
N ASP A 83 2.24 -23.00 21.77
CA ASP A 83 1.17 -22.20 22.37
C ASP A 83 1.67 -21.73 23.76
N ASP A 84 0.93 -20.79 24.38
CA ASP A 84 1.24 -20.30 25.74
C ASP A 84 1.02 -21.43 26.79
N ASN A 85 0.28 -22.50 26.40
CA ASN A 85 -0.07 -23.66 27.23
C ASN A 85 0.66 -24.96 26.82
N SER A 86 1.77 -24.83 26.05
CA SER A 86 2.60 -25.93 25.52
C SER A 86 1.94 -26.80 24.43
N ASN A 87 0.81 -26.35 23.84
CA ASN A 87 0.17 -27.03 22.72
C ASN A 87 0.94 -26.75 21.42
N VAL A 88 1.01 -27.74 20.51
CA VAL A 88 1.70 -27.61 19.22
C VAL A 88 0.67 -27.18 18.20
N ILE A 89 0.84 -25.96 17.68
CA ILE A 89 -0.07 -25.35 16.70
C ILE A 89 0.58 -25.27 15.34
N LEU A 90 -0.19 -25.57 14.29
CA LEU A 90 0.26 -25.41 12.91
C LEU A 90 -0.64 -24.39 12.20
N LYS A 91 -0.22 -23.11 12.24
CA LYS A 91 -0.97 -21.99 11.64
C LYS A 91 -0.39 -21.51 10.32
N LYS A 92 -1.27 -21.24 9.34
CA LYS A 92 -0.91 -20.65 8.06
C LYS A 92 -1.15 -19.14 8.23
N TYR A 93 -0.08 -18.37 8.17
CA TYR A 93 -0.16 -16.93 8.32
C TYR A 93 -0.13 -16.33 6.93
N ARG A 94 -1.25 -15.72 6.52
CA ARG A 94 -1.39 -15.07 5.22
C ARG A 94 -0.61 -13.73 5.21
N ASN A 95 -0.32 -13.18 4.00
CA ASN A 95 0.37 -11.90 3.77
C ASN A 95 1.68 -11.79 4.50
N MET A 96 2.54 -12.72 4.22
CA MET A 96 3.74 -12.90 4.99
C MET A 96 5.04 -12.69 4.20
N VAL A 97 5.07 -13.11 2.94
CA VAL A 97 6.22 -12.98 2.03
C VAL A 97 5.83 -12.05 0.89
N VAL A 98 6.61 -11.00 0.63
CA VAL A 98 6.32 -10.09 -0.48
C VAL A 98 6.84 -10.74 -1.75
N ARG A 99 5.95 -10.98 -2.71
CA ARG A 99 6.31 -11.51 -4.02
C ARG A 99 6.56 -10.36 -5.03
N ALA A 100 5.70 -9.31 -4.99
CA ALA A 100 5.81 -8.15 -5.89
C ALA A 100 5.37 -6.85 -5.25
N CYS A 101 6.03 -5.74 -5.62
CA CYS A 101 5.73 -4.38 -5.17
C CYS A 101 5.00 -3.55 -6.22
N GLY A 102 4.47 -2.42 -5.77
CA GLY A 102 3.74 -1.51 -6.62
C GLY A 102 3.40 -0.20 -5.97
N CYS A 103 2.67 0.66 -6.69
CA CYS A 103 2.28 1.98 -6.24
C CYS A 103 0.78 2.14 -6.07
N HIS A 104 0.38 2.68 -4.92
CA HIS A 104 -1.01 2.96 -4.55
C HIS A 104 -1.08 4.07 -3.50
N THR B 1 -0.79 11.92 13.84
CA THR B 1 0.34 11.59 12.95
C THR B 1 0.35 10.09 12.53
N ALA B 2 -0.66 9.29 12.97
CA ALA B 2 -0.77 7.88 12.62
C ALA B 2 -1.30 7.70 11.18
N CYS B 3 -1.20 6.47 10.63
CA CYS B 3 -1.69 6.16 9.30
C CYS B 3 -3.19 6.41 9.19
N ARG B 4 -3.54 7.44 8.39
CA ARG B 4 -4.93 7.85 8.14
C ARG B 4 -5.13 8.45 6.75
N LYS B 5 -6.41 8.49 6.35
CA LYS B 5 -6.94 9.09 5.14
C LYS B 5 -7.03 10.59 5.36
N HIS B 6 -6.45 11.37 4.44
CA HIS B 6 -6.48 12.83 4.41
C HIS B 6 -7.36 13.30 3.24
N GLU B 7 -8.08 14.44 3.40
CA GLU B 7 -8.93 15.04 2.36
C GLU B 7 -8.08 15.62 1.24
N LEU B 8 -8.47 15.36 -0.01
CA LEU B 8 -7.82 15.92 -1.20
C LEU B 8 -8.86 16.01 -2.30
N TYR B 9 -9.02 17.23 -2.88
CA TYR B 9 -9.97 17.45 -3.96
C TYR B 9 -9.20 17.62 -5.26
N VAL B 10 -9.59 16.87 -6.29
CA VAL B 10 -8.94 16.97 -7.60
C VAL B 10 -9.94 17.51 -8.60
N SER B 11 -9.64 18.66 -9.18
CA SER B 11 -10.52 19.19 -10.22
C SER B 11 -10.09 18.52 -11.53
N PHE B 12 -11.02 18.35 -12.47
CA PHE B 12 -10.68 17.75 -13.75
C PHE B 12 -9.80 18.63 -14.63
N GLN B 13 -9.63 19.90 -14.28
CA GLN B 13 -8.75 20.83 -14.99
C GLN B 13 -7.28 20.41 -14.80
N ASP B 14 -6.97 19.86 -13.60
CA ASP B 14 -5.67 19.36 -13.21
C ASP B 14 -5.24 18.16 -14.05
N LEU B 15 -6.22 17.43 -14.63
CA LEU B 15 -6.03 16.29 -15.52
C LEU B 15 -6.15 16.73 -16.98
N GLY B 16 -6.57 17.97 -17.21
CA GLY B 16 -6.81 18.50 -18.55
C GLY B 16 -7.98 17.81 -19.21
N TRP B 17 -8.97 17.41 -18.41
CA TRP B 17 -10.17 16.73 -18.88
C TRP B 17 -11.34 17.69 -18.97
N GLN B 18 -11.18 18.93 -18.45
CA GLN B 18 -12.22 19.96 -18.38
C GLN B 18 -13.10 20.20 -19.60
N ASP B 19 -12.53 20.22 -20.81
CA ASP B 19 -13.31 20.45 -22.05
C ASP B 19 -14.20 19.25 -22.45
N TRP B 20 -13.70 18.03 -22.23
CA TRP B 20 -14.34 16.73 -22.48
C TRP B 20 -15.61 16.54 -21.59
N ILE B 21 -15.46 16.69 -20.26
CA ILE B 21 -16.42 16.46 -19.16
C ILE B 21 -17.58 17.43 -18.93
N ILE B 22 -18.75 16.88 -18.49
CA ILE B 22 -19.98 17.59 -18.09
C ILE B 22 -20.19 17.55 -16.57
N ALA B 23 -20.07 16.35 -15.95
CA ALA B 23 -20.20 16.24 -14.51
C ALA B 23 -19.50 15.03 -13.90
N PRO B 24 -18.88 15.18 -12.71
CA PRO B 24 -18.67 16.43 -11.96
C PRO B 24 -17.49 17.23 -12.50
N LYS B 25 -17.21 18.39 -11.90
CA LYS B 25 -16.10 19.25 -12.32
C LYS B 25 -14.79 18.81 -11.62
N GLY B 26 -14.93 17.91 -10.66
CA GLY B 26 -13.86 17.36 -9.86
C GLY B 26 -14.40 16.37 -8.86
N TYR B 27 -13.52 15.75 -8.08
CA TYR B 27 -13.93 14.73 -7.12
C TYR B 27 -12.96 14.69 -5.95
N ALA B 28 -13.42 14.08 -4.86
CA ALA B 28 -12.59 13.91 -3.68
C ALA B 28 -11.80 12.61 -3.85
N ALA B 29 -10.58 12.68 -4.40
CA ALA B 29 -9.63 11.56 -4.48
C ALA B 29 -9.04 11.67 -3.12
N ASN B 30 -8.92 10.66 -2.32
CA ASN B 30 -8.28 11.19 -1.11
C ASN B 30 -6.99 10.37 -0.97
N TYR B 31 -6.16 10.61 0.04
CA TYR B 31 -4.78 10.20 0.15
C TYR B 31 -4.45 9.66 1.52
N CYS B 32 -3.52 8.71 1.57
CA CYS B 32 -3.06 8.04 2.77
C CYS B 32 -1.77 8.65 3.20
N ASP B 33 -1.71 9.05 4.46
CA ASP B 33 -0.49 9.60 5.05
C ASP B 33 -0.41 9.25 6.54
N GLY B 34 0.80 9.21 7.06
CA GLY B 34 1.04 8.89 8.45
C GLY B 34 2.10 7.84 8.71
N GLU B 35 2.64 7.88 9.94
CA GLU B 35 3.65 6.95 10.45
C GLU B 35 3.00 5.60 10.71
N CYS B 36 3.70 4.55 10.29
CA CYS B 36 3.21 3.20 10.44
C CYS B 36 4.00 2.52 11.53
N SER B 37 3.41 2.43 12.73
CA SER B 37 4.04 1.84 13.91
C SER B 37 3.01 1.32 14.93
N PHE B 38 3.47 0.50 15.89
CA PHE B 38 2.61 -0.09 16.93
C PHE B 38 1.73 0.93 17.68
N PRO B 39 0.45 0.61 17.97
CA PRO B 39 -0.24 -0.67 17.77
C PRO B 39 -0.63 -0.91 16.33
N LEU B 40 -0.64 -2.17 15.94
CA LEU B 40 -0.99 -2.61 14.60
C LEU B 40 -1.96 -3.77 14.72
N ASN B 41 -3.03 -3.77 13.91
CA ASN B 41 -4.01 -4.84 13.96
C ASN B 41 -4.06 -5.54 12.63
N ALA B 42 -3.80 -6.85 12.62
CA ALA B 42 -3.81 -7.63 11.38
C ALA B 42 -5.19 -7.89 10.78
N HIS B 43 -6.27 -7.43 11.43
CA HIS B 43 -7.66 -7.55 10.95
C HIS B 43 -8.29 -6.15 10.79
N MET B 44 -7.46 -5.09 10.83
CA MET B 44 -7.95 -3.71 10.74
C MET B 44 -7.11 -2.77 9.88
N ASN B 45 -5.83 -2.55 10.22
CA ASN B 45 -4.97 -1.56 9.56
C ASN B 45 -3.56 -2.02 9.20
N ALA B 46 -3.31 -3.34 9.18
CA ALA B 46 -1.97 -3.83 8.88
C ALA B 46 -2.04 -5.25 8.41
N THR B 47 -1.00 -5.68 7.73
CA THR B 47 -0.82 -7.05 7.29
C THR B 47 0.15 -7.68 8.29
N ASN B 48 0.36 -8.98 8.21
CA ASN B 48 1.30 -9.74 9.02
C ASN B 48 2.69 -9.30 8.65
N HIS B 49 2.96 -9.14 7.33
CA HIS B 49 4.24 -8.65 6.82
C HIS B 49 4.58 -7.27 7.37
N ALA B 50 3.61 -6.36 7.41
CA ALA B 50 3.80 -5.02 7.95
C ALA B 50 4.16 -5.07 9.44
N ILE B 51 3.56 -6.02 10.22
CA ILE B 51 3.87 -6.20 11.65
C ILE B 51 5.33 -6.66 11.79
N VAL B 52 5.72 -7.68 11.01
CA VAL B 52 7.09 -8.20 10.98
C VAL B 52 8.11 -7.13 10.54
N GLN B 53 7.80 -6.36 9.49
CA GLN B 53 8.69 -5.29 9.00
C GLN B 53 8.89 -4.19 10.00
N THR B 54 7.83 -3.82 10.75
CA THR B 54 7.94 -2.83 11.82
C THR B 54 8.96 -3.35 12.85
N LEU B 55 8.90 -4.66 13.21
CA LEU B 55 9.84 -5.31 14.15
C LEU B 55 11.26 -5.33 13.67
N VAL B 56 11.49 -5.65 12.39
CA VAL B 56 12.82 -5.63 11.78
C VAL B 56 13.35 -4.20 11.80
N HIS B 57 12.52 -3.21 11.41
CA HIS B 57 12.94 -1.79 11.43
C HIS B 57 13.34 -1.34 12.83
N LEU B 58 12.61 -1.73 13.88
CA LEU B 58 12.98 -1.31 15.23
C LEU B 58 14.36 -1.81 15.66
N MET B 59 14.70 -3.06 15.30
CA MET B 59 16.00 -3.65 15.58
C MET B 59 17.12 -3.07 14.69
N ASN B 60 16.85 -2.90 13.38
CA ASN B 60 17.81 -2.41 12.40
C ASN B 60 17.22 -1.23 11.57
N PRO B 61 17.12 0.01 12.14
CA PRO B 61 16.51 1.11 11.37
C PRO B 61 17.31 1.55 10.16
N GLU B 62 18.62 1.23 10.15
CA GLU B 62 19.58 1.59 9.12
C GLU B 62 19.22 1.10 7.72
N TYR B 63 18.92 -0.20 7.56
CA TYR B 63 18.68 -0.75 6.22
C TYR B 63 17.24 -1.07 5.82
N VAL B 64 16.38 -1.47 6.77
CA VAL B 64 14.98 -1.80 6.51
C VAL B 64 14.06 -0.66 6.96
N PRO B 65 13.29 -0.04 6.05
CA PRO B 65 12.37 1.03 6.46
C PRO B 65 11.10 0.52 7.14
N LYS B 66 10.33 1.44 7.72
CA LYS B 66 9.02 1.20 8.31
C LYS B 66 8.06 0.77 7.18
N PRO B 67 6.93 0.07 7.44
CA PRO B 67 5.96 -0.17 6.36
C PRO B 67 5.33 1.16 5.97
N CYS B 68 4.55 1.18 4.92
CA CYS B 68 4.01 2.45 4.53
C CYS B 68 2.45 2.54 4.46
N CYS B 69 1.90 3.75 4.69
CA CYS B 69 0.47 4.07 4.73
C CYS B 69 -0.10 4.09 3.32
N ALA B 70 -0.91 3.08 2.97
CA ALA B 70 -1.49 2.91 1.63
C ALA B 70 -2.99 2.53 1.67
N PRO B 71 -3.79 2.65 0.58
CA PRO B 71 -5.22 2.36 0.70
C PRO B 71 -5.53 0.90 0.98
N THR B 72 -6.64 0.65 1.64
CA THR B 72 -7.14 -0.69 1.89
C THR B 72 -8.42 -0.83 1.12
N LYS B 73 -9.14 0.30 0.93
CA LYS B 73 -10.38 0.37 0.17
C LYS B 73 -10.39 1.60 -0.73
N LEU B 74 -10.69 1.36 -2.01
CA LEU B 74 -10.81 2.35 -3.06
C LEU B 74 -12.20 2.32 -3.71
N ASN B 75 -12.78 3.49 -3.97
CA ASN B 75 -14.06 3.57 -4.66
C ASN B 75 -13.92 4.06 -6.10
N ALA B 76 -14.93 3.78 -6.89
CA ALA B 76 -15.03 4.21 -8.27
C ALA B 76 -15.74 5.55 -8.35
N ILE B 77 -15.50 6.29 -9.44
CA ILE B 77 -16.23 7.50 -9.74
C ILE B 77 -16.87 7.36 -11.10
N SER B 78 -18.08 7.88 -11.24
CA SER B 78 -18.80 7.89 -12.50
C SER B 78 -18.70 9.29 -13.04
N VAL B 79 -18.37 9.38 -14.32
CA VAL B 79 -18.16 10.64 -15.01
C VAL B 79 -19.06 10.71 -16.25
N LEU B 80 -19.66 11.88 -16.48
CA LEU B 80 -20.56 12.09 -17.61
C LEU B 80 -19.81 12.97 -18.57
N TYR B 81 -19.53 12.44 -19.75
CA TYR B 81 -18.77 13.21 -20.71
C TYR B 81 -19.35 13.23 -22.09
N PHE B 82 -18.94 14.22 -22.88
CA PHE B 82 -19.30 14.39 -24.27
C PHE B 82 -18.20 13.82 -25.16
N ASP B 83 -18.60 13.28 -26.31
CA ASP B 83 -17.63 12.85 -27.29
C ASP B 83 -17.71 13.75 -28.54
N ASP B 84 -17.03 13.36 -29.64
CA ASP B 84 -16.99 14.13 -30.90
C ASP B 84 -18.28 14.08 -31.71
N ASN B 85 -18.99 12.93 -31.68
CA ASN B 85 -20.29 12.74 -32.34
C ASN B 85 -21.43 13.38 -31.54
N SER B 86 -21.08 14.01 -30.39
CA SER B 86 -21.96 14.72 -29.45
C SER B 86 -22.87 13.65 -28.76
N ASN B 87 -22.26 12.53 -28.38
CA ASN B 87 -22.85 11.49 -27.57
C ASN B 87 -22.67 11.86 -26.11
N VAL B 88 -23.59 11.43 -25.24
CA VAL B 88 -23.48 11.63 -23.81
C VAL B 88 -23.15 10.23 -23.28
N ILE B 89 -21.92 10.05 -22.78
CA ILE B 89 -21.42 8.78 -22.24
C ILE B 89 -21.33 8.87 -20.71
N LEU B 90 -21.65 7.77 -20.04
CA LEU B 90 -21.46 7.68 -18.60
C LEU B 90 -20.37 6.61 -18.38
N LYS B 91 -19.16 7.05 -17.95
CA LYS B 91 -18.02 6.17 -17.69
C LYS B 91 -17.70 6.03 -16.19
N LYS B 92 -17.57 4.78 -15.73
CA LYS B 92 -17.18 4.44 -14.36
C LYS B 92 -15.64 4.25 -14.32
N TYR B 93 -14.95 5.04 -13.48
CA TYR B 93 -13.49 4.96 -13.31
C TYR B 93 -13.26 4.29 -12.00
N ARG B 94 -12.74 3.07 -12.05
CA ARG B 94 -12.47 2.26 -10.86
C ARG B 94 -11.18 2.71 -10.15
N ASN B 95 -11.08 2.42 -8.83
CA ASN B 95 -9.93 2.69 -7.94
C ASN B 95 -9.51 4.12 -8.02
N MET B 96 -10.45 4.98 -7.73
CA MET B 96 -10.32 6.39 -7.92
C MET B 96 -10.34 7.24 -6.66
N VAL B 97 -11.05 6.79 -5.61
CA VAL B 97 -11.23 7.48 -4.33
C VAL B 97 -10.72 6.59 -3.20
N VAL B 98 -10.04 7.17 -2.23
CA VAL B 98 -9.54 6.44 -1.06
C VAL B 98 -10.63 6.54 0.01
N ARG B 99 -10.98 5.39 0.60
CA ARG B 99 -11.99 5.24 1.67
C ARG B 99 -11.32 4.95 3.02
N ALA B 100 -10.35 4.00 3.03
CA ALA B 100 -9.63 3.58 4.23
C ALA B 100 -8.17 3.31 3.93
N CYS B 101 -7.29 3.71 4.87
CA CYS B 101 -5.86 3.51 4.80
C CYS B 101 -5.38 2.40 5.78
N GLY B 102 -4.22 1.83 5.51
CA GLY B 102 -3.61 0.79 6.31
C GLY B 102 -2.13 0.69 6.05
N CYS B 103 -1.40 -0.07 6.88
CA CYS B 103 0.04 -0.27 6.76
C CYS B 103 0.35 -1.50 5.99
N HIS B 104 1.16 -1.34 4.93
CA HIS B 104 1.53 -2.43 4.03
C HIS B 104 3.04 -2.61 3.89
#